data_7YOY
#
_entry.id   7YOY
#
loop_
_entity.id
_entity.type
_entity.pdbx_description
1 polymer 'Soluble gp42'
2 polymer '5E3 heavy chain'
3 polymer '3E8 heavy chain'
4 polymer '5E3 light chain'
5 polymer '3E8 light chain'
#
loop_
_entity_poly.entity_id
_entity_poly.type
_entity_poly.pdbx_seq_one_letter_code
_entity_poly.pdbx_strand_id
1 'polypeptide(L)'
;FQVPQNYTKANCTYCNTREYTFSYKGCCFYFTKKKHTWNGCFQACAELYPCTYFYGPTPDILPVVTRNLNAIESLWVGVY
RVGEGNWTSLDGGTFKVYQIFGSHCTYVSKFSTVPVSHHECSFLKPCLCVSQRSNS
;
C
2 'polypeptide(L)'
;QPVEESGGRLVTPGTPLTLTCTVSGFSLSTYAMSWVRQAPGKGLEWIGTISASDTTYFANWTKGRFTISKASTTVDLKIT
SPTTEDTATFFCARFSAYESNRDYFDTFDPWGPGTLVTVSS
;
E
3 'polypeptide(L)'
;QPVKESGGRLVTPGTPLTLTCTASGFSLSSYWMSWVRQARGKGLEWIGTATAGGSAWYASWAKGRFTISRTSTTVELRMT
SLTTEDTATYFCARDPPGHSGLWGRGTLVTVSS
;
F
4 'polypeptide(L)'
;DVVMTQTPSPVSAAVGGTVTIKCQASQNIYRDLAWYQQNPGQPPKLLIYGASNLASGVPSRFSGSGSGTEYILTISDLEC
ADAATYYCQCSAYGSGYAAHAFGGGTKVDIK
;
I
5 'polypeptide(L)'
;DLVMTQTPASVEAAVGGTVTIKCQASESIGNALAWYQQKPGQPPKLLIYDTSNLASGVSSRFRGSGSGTQFTLTISDLEC
ADAATYYCQTYYYSGVTTTYQAFGGGTEVDVK
;
J
#
# COMPACT_ATOMS: atom_id res chain seq x y z
N PHE A 1 -17.25 -25.97 -15.80
CA PHE A 1 -16.28 -25.26 -14.98
C PHE A 1 -16.93 -24.14 -14.18
N GLN A 2 -16.51 -23.98 -12.92
CA GLN A 2 -16.91 -22.84 -12.12
C GLN A 2 -15.74 -22.41 -11.24
N VAL A 3 -15.79 -21.16 -10.79
CA VAL A 3 -14.84 -20.68 -9.78
C VAL A 3 -15.03 -21.47 -8.49
N PRO A 4 -13.95 -21.89 -7.81
CA PRO A 4 -14.10 -22.85 -6.70
C PRO A 4 -14.80 -22.32 -5.45
N GLN A 5 -15.20 -21.04 -5.41
CA GLN A 5 -16.08 -20.41 -4.42
C GLN A 5 -15.50 -20.33 -3.02
N ASN A 6 -14.31 -20.87 -2.77
CA ASN A 6 -13.65 -20.70 -1.49
C ASN A 6 -12.33 -19.96 -1.63
N TYR A 7 -12.03 -19.44 -2.82
CA TYR A 7 -10.86 -18.60 -3.04
C TYR A 7 -11.38 -17.26 -3.54
N THR A 8 -11.78 -16.41 -2.62
CA THR A 8 -12.39 -15.14 -2.93
C THR A 8 -11.38 -14.01 -2.85
N LYS A 9 -11.86 -12.78 -2.96
CA LYS A 9 -11.03 -11.59 -2.84
C LYS A 9 -10.63 -11.40 -1.37
N ALA A 10 -9.65 -10.55 -1.12
CA ALA A 10 -9.13 -10.32 0.22
C ALA A 10 -9.73 -9.03 0.77
N ASN A 11 -10.42 -9.15 1.90
CA ASN A 11 -10.94 -7.99 2.62
C ASN A 11 -9.93 -7.39 3.59
N CYS A 12 -8.67 -7.82 3.50
CA CYS A 12 -7.61 -7.32 4.38
C CYS A 12 -6.47 -6.75 3.55
N THR A 13 -5.35 -6.44 4.19
CA THR A 13 -4.27 -5.74 3.51
C THR A 13 -2.91 -6.01 4.16
N TYR A 14 -2.01 -6.60 3.37
CA TYR A 14 -0.61 -6.79 3.74
C TYR A 14 0.21 -7.15 2.52
N CYS A 15 1.35 -6.50 2.32
CA CYS A 15 2.29 -6.98 1.34
C CYS A 15 3.68 -6.96 1.94
N ASN A 16 4.42 -8.04 1.73
CA ASN A 16 5.77 -8.14 2.27
C ASN A 16 6.68 -7.19 1.51
N THR A 17 7.46 -6.40 2.24
CA THR A 17 8.33 -5.43 1.60
C THR A 17 9.59 -6.05 1.01
N ARG A 18 9.92 -7.28 1.40
CA ARG A 18 11.21 -7.83 0.98
C ARG A 18 11.16 -8.41 -0.43
N GLU A 19 10.33 -9.42 -0.64
CA GLU A 19 10.35 -10.19 -1.88
C GLU A 19 9.07 -9.97 -2.67
N TYR A 20 9.04 -8.88 -3.42
CA TYR A 20 8.00 -8.65 -4.42
C TYR A 20 8.69 -8.05 -5.63
N THR A 21 8.22 -8.41 -6.82
CA THR A 21 8.92 -8.03 -8.04
C THR A 21 8.75 -6.54 -8.32
N PHE A 22 7.52 -6.07 -8.42
CA PHE A 22 7.28 -4.67 -8.68
C PHE A 22 6.00 -4.24 -8.01
N SER A 23 5.81 -2.93 -7.91
CA SER A 23 4.63 -2.36 -7.29
C SER A 23 4.12 -1.20 -8.13
N TYR A 24 2.81 -0.97 -8.08
CA TYR A 24 2.18 0.07 -8.87
C TYR A 24 0.82 0.36 -8.25
N LYS A 25 0.51 1.65 -8.07
CA LYS A 25 -0.82 2.13 -7.69
C LYS A 25 -1.31 1.55 -6.37
N GLY A 26 -0.40 1.25 -5.45
CA GLY A 26 -0.80 0.70 -4.19
C GLY A 26 -1.12 -0.77 -4.22
N CYS A 27 -0.39 -1.55 -5.00
CA CYS A 27 -0.50 -3.00 -4.97
C CYS A 27 0.89 -3.59 -5.02
N CYS A 28 1.09 -4.68 -4.28
CA CYS A 28 2.36 -5.40 -4.26
C CYS A 28 2.19 -6.68 -5.04
N PHE A 29 2.94 -6.80 -6.14
CA PHE A 29 2.77 -7.88 -7.09
C PHE A 29 3.77 -9.00 -6.81
N TYR A 30 3.40 -10.22 -7.17
CA TYR A 30 4.26 -11.37 -6.93
C TYR A 30 4.22 -12.30 -8.11
N PHE A 31 5.39 -12.62 -8.66
CA PHE A 31 5.53 -13.67 -9.65
C PHE A 31 5.92 -14.94 -8.91
N THR A 32 5.15 -16.01 -9.11
CA THR A 32 5.44 -17.26 -8.43
C THR A 32 6.65 -17.94 -9.03
N LYS A 33 7.24 -18.84 -8.26
CA LYS A 33 8.38 -19.61 -8.73
C LYS A 33 8.00 -20.99 -9.22
N LYS A 34 7.19 -21.73 -8.46
CA LYS A 34 6.77 -23.06 -8.85
C LYS A 34 5.68 -22.95 -9.91
N LYS A 35 5.92 -23.54 -11.08
CA LYS A 35 4.98 -23.43 -12.20
C LYS A 35 3.79 -24.34 -11.96
N HIS A 36 2.72 -23.80 -11.40
CA HIS A 36 1.53 -24.60 -11.19
C HIS A 36 0.73 -24.68 -12.50
N THR A 37 -0.32 -25.50 -12.47
CA THR A 37 -1.30 -25.46 -13.53
C THR A 37 -2.26 -24.30 -13.29
N TRP A 38 -3.09 -24.01 -14.29
CA TRP A 38 -3.92 -22.81 -14.20
C TRP A 38 -5.02 -22.97 -13.16
N ASN A 39 -5.67 -24.13 -13.12
CA ASN A 39 -6.76 -24.35 -12.17
C ASN A 39 -6.26 -24.37 -10.73
N GLY A 40 -5.01 -24.78 -10.54
CA GLY A 40 -4.45 -24.80 -9.21
C GLY A 40 -3.95 -23.47 -8.71
N CYS A 41 -3.82 -22.47 -9.58
CA CYS A 41 -3.20 -21.22 -9.15
C CYS A 41 -4.10 -20.37 -8.27
N PHE A 42 -5.37 -20.70 -8.15
CA PHE A 42 -6.20 -20.04 -7.14
C PHE A 42 -5.74 -20.42 -5.74
N GLN A 43 -5.33 -21.67 -5.56
CA GLN A 43 -4.77 -22.08 -4.29
C GLN A 43 -3.37 -21.54 -4.10
N ALA A 44 -2.60 -21.42 -5.18
CA ALA A 44 -1.18 -21.10 -5.07
C ALA A 44 -0.95 -19.67 -4.63
N CYS A 45 -1.80 -18.73 -5.07
CA CYS A 45 -1.66 -17.37 -4.58
C CYS A 45 -2.14 -17.24 -3.14
N ALA A 46 -3.16 -18.00 -2.76
CA ALA A 46 -3.68 -17.91 -1.40
C ALA A 46 -2.83 -18.66 -0.39
N GLU A 47 -1.81 -19.39 -0.84
CA GLU A 47 -0.90 -20.09 0.05
C GLU A 47 0.50 -19.49 0.03
N LEU A 48 0.69 -18.39 -0.69
CA LEU A 48 1.99 -17.75 -0.79
C LEU A 48 2.14 -16.63 0.23
N TYR A 49 1.18 -15.72 0.28
CA TYR A 49 1.21 -14.59 1.21
C TYR A 49 -0.21 -14.35 1.68
N PRO A 50 -0.41 -13.88 2.90
CA PRO A 50 -1.77 -13.61 3.35
C PRO A 50 -2.33 -12.37 2.69
N CYS A 51 -3.65 -12.33 2.60
CA CYS A 51 -4.43 -11.31 1.89
C CYS A 51 -3.95 -11.16 0.45
N THR A 52 -3.99 -12.28 -0.27
CA THR A 52 -3.44 -12.34 -1.62
C THR A 52 -4.24 -13.33 -2.45
N TYR A 53 -4.72 -12.88 -3.60
CA TYR A 53 -5.53 -13.72 -4.47
C TYR A 53 -4.90 -13.81 -5.85
N PHE A 54 -5.43 -14.72 -6.65
CA PHE A 54 -5.07 -14.81 -8.05
C PHE A 54 -5.68 -13.63 -8.78
N TYR A 55 -4.94 -13.05 -9.74
CA TYR A 55 -5.28 -11.75 -10.27
C TYR A 55 -5.32 -11.75 -11.80
N GLY A 56 -6.20 -10.92 -12.33
CA GLY A 56 -6.21 -10.64 -13.75
C GLY A 56 -6.02 -9.15 -14.00
N PRO A 57 -5.24 -8.80 -15.03
CA PRO A 57 -4.86 -7.42 -15.22
C PRO A 57 -5.84 -6.61 -16.06
N THR A 58 -5.92 -5.35 -15.72
CA THR A 58 -6.66 -4.22 -16.26
C THR A 58 -5.76 -3.45 -17.22
N PRO A 59 -6.29 -2.96 -18.37
CA PRO A 59 -5.43 -2.35 -19.39
C PRO A 59 -4.54 -1.17 -19.00
N ASP A 60 -4.65 -0.62 -17.80
CA ASP A 60 -3.62 0.33 -17.36
C ASP A 60 -2.47 -0.36 -16.64
N ILE A 61 -2.76 -1.40 -15.85
CA ILE A 61 -1.70 -2.09 -15.12
C ILE A 61 -0.92 -3.02 -16.04
N LEU A 62 -1.45 -3.35 -17.21
CA LEU A 62 -0.87 -4.31 -18.13
C LEU A 62 0.50 -3.97 -18.73
N PRO A 63 0.81 -2.73 -19.18
CA PRO A 63 2.16 -2.51 -19.74
C PRO A 63 3.27 -2.53 -18.71
N VAL A 64 2.94 -2.41 -17.43
CA VAL A 64 3.97 -2.54 -16.42
C VAL A 64 4.24 -4.00 -16.10
N VAL A 65 3.19 -4.81 -16.06
CA VAL A 65 3.36 -6.22 -15.70
C VAL A 65 3.97 -7.02 -16.85
N THR A 66 3.93 -6.52 -18.07
CA THR A 66 4.65 -7.21 -19.13
C THR A 66 6.06 -6.70 -19.29
N ARG A 67 6.38 -5.53 -18.75
CA ARG A 67 7.71 -4.98 -18.91
C ARG A 67 8.71 -5.58 -17.93
N ASN A 68 8.23 -6.19 -16.85
CA ASN A 68 9.11 -6.87 -15.90
C ASN A 68 9.26 -8.33 -16.22
N LEU A 69 9.16 -8.72 -17.48
CA LEU A 69 9.30 -10.10 -17.91
C LEU A 69 10.56 -10.27 -18.76
N ASN A 70 10.85 -11.52 -19.09
CA ASN A 70 11.90 -11.83 -20.03
C ASN A 70 11.30 -11.94 -21.43
N ALA A 71 12.08 -12.45 -22.38
CA ALA A 71 11.60 -12.57 -23.75
C ALA A 71 10.85 -13.87 -24.02
N ILE A 72 11.06 -14.89 -23.20
CA ILE A 72 10.53 -16.21 -23.48
C ILE A 72 9.48 -16.65 -22.46
N GLU A 73 9.64 -16.29 -21.19
CA GLU A 73 8.75 -16.76 -20.14
C GLU A 73 7.33 -16.20 -20.30
N SER A 74 6.36 -16.95 -19.82
CA SER A 74 4.97 -16.58 -19.89
C SER A 74 4.38 -16.61 -18.48
N LEU A 75 3.08 -16.32 -18.38
CA LEU A 75 2.51 -16.01 -17.09
C LEU A 75 1.00 -16.13 -17.15
N TRP A 76 0.42 -17.00 -16.33
CA TRP A 76 -1.04 -17.08 -16.26
C TRP A 76 -1.61 -15.83 -15.62
N VAL A 77 -2.86 -15.53 -15.95
CA VAL A 77 -3.59 -14.42 -15.35
C VAL A 77 -4.95 -14.91 -14.93
N GLY A 78 -5.75 -14.00 -14.38
CA GLY A 78 -6.94 -14.40 -13.65
C GLY A 78 -8.29 -14.05 -14.25
N VAL A 79 -8.47 -14.25 -15.54
CA VAL A 79 -9.76 -14.03 -16.17
C VAL A 79 -10.34 -15.38 -16.59
N TYR A 80 -11.67 -15.42 -16.70
CA TYR A 80 -12.36 -16.67 -16.98
C TYR A 80 -13.75 -16.37 -17.52
N ARG A 81 -14.46 -17.43 -17.91
CA ARG A 81 -15.84 -17.34 -18.39
C ARG A 81 -16.70 -18.25 -17.54
N VAL A 82 -17.30 -17.70 -16.49
CA VAL A 82 -18.19 -18.52 -15.66
C VAL A 82 -19.51 -18.79 -16.38
N GLY A 83 -19.86 -17.97 -17.37
CA GLY A 83 -21.09 -18.17 -18.10
C GLY A 83 -20.81 -18.33 -19.58
N GLU A 84 -21.54 -17.59 -20.41
CA GLU A 84 -21.33 -17.64 -21.84
C GLU A 84 -20.69 -16.38 -22.39
N GLY A 85 -20.25 -15.48 -21.53
CA GLY A 85 -19.56 -14.29 -22.00
C GLY A 85 -19.04 -13.50 -20.83
N ASN A 86 -18.58 -12.28 -21.14
CA ASN A 86 -18.15 -11.29 -20.17
C ASN A 86 -17.01 -11.83 -19.30
N TRP A 87 -15.85 -11.97 -19.94
CA TRP A 87 -14.61 -12.34 -19.24
C TRP A 87 -14.35 -11.40 -18.08
N THR A 88 -14.45 -11.92 -16.87
CA THR A 88 -14.28 -11.12 -15.67
C THR A 88 -13.18 -11.71 -14.80
N SER A 89 -12.61 -10.87 -13.96
CA SER A 89 -11.62 -11.33 -12.99
C SER A 89 -12.31 -11.67 -11.69
N LEU A 90 -11.52 -12.00 -10.67
CA LEU A 90 -12.08 -12.11 -9.33
C LEU A 90 -12.40 -10.73 -8.77
N ASP A 91 -11.67 -9.71 -9.20
CA ASP A 91 -11.93 -8.35 -8.74
C ASP A 91 -13.19 -7.76 -9.35
N GLY A 92 -13.58 -8.21 -10.54
CA GLY A 92 -14.78 -7.72 -11.17
C GLY A 92 -14.48 -6.73 -12.28
N GLY A 93 -15.47 -6.56 -13.15
CA GLY A 93 -15.32 -5.74 -14.34
C GLY A 93 -15.33 -6.59 -15.59
N THR A 94 -14.94 -5.95 -16.69
CA THR A 94 -14.83 -6.64 -17.97
C THR A 94 -13.48 -6.33 -18.59
N PHE A 95 -13.05 -7.22 -19.48
CA PHE A 95 -11.79 -7.05 -20.19
C PHE A 95 -12.00 -7.28 -21.68
N LYS A 96 -10.92 -7.29 -22.44
CA LYS A 96 -10.95 -7.73 -23.82
C LYS A 96 -9.77 -8.66 -24.04
N VAL A 97 -10.03 -9.80 -24.68
CA VAL A 97 -9.08 -10.90 -24.73
C VAL A 97 -9.03 -11.45 -26.15
N TYR A 98 -7.83 -11.55 -26.70
CA TYR A 98 -7.63 -12.17 -28.00
C TYR A 98 -7.96 -13.65 -27.88
N GLN A 99 -9.09 -14.04 -28.43
CA GLN A 99 -9.58 -15.40 -28.33
C GLN A 99 -9.11 -16.23 -29.53
N ILE A 100 -8.76 -17.48 -29.28
CA ILE A 100 -8.67 -18.43 -30.37
C ILE A 100 -9.52 -19.66 -30.07
N PHE A 101 -9.16 -20.38 -29.02
CA PHE A 101 -9.87 -21.55 -28.57
C PHE A 101 -10.67 -21.19 -27.33
N GLY A 102 -11.15 -22.20 -26.62
CA GLY A 102 -12.11 -21.96 -25.56
C GLY A 102 -11.57 -21.92 -24.15
N SER A 103 -11.68 -23.05 -23.46
CA SER A 103 -12.03 -23.13 -22.04
C SER A 103 -10.98 -22.51 -21.11
N HIS A 104 -11.30 -21.31 -20.63
CA HIS A 104 -11.00 -20.75 -19.31
C HIS A 104 -9.58 -21.00 -18.78
N CYS A 105 -8.59 -20.57 -19.57
CA CYS A 105 -7.22 -20.44 -19.09
C CYS A 105 -6.48 -19.47 -19.99
N THR A 106 -5.90 -18.45 -19.39
CA THR A 106 -5.48 -17.24 -20.10
C THR A 106 -4.09 -16.82 -19.64
N TYR A 107 -3.21 -16.49 -20.59
CA TYR A 107 -1.85 -16.12 -20.27
C TYR A 107 -1.49 -14.79 -20.91
N VAL A 108 -0.37 -14.23 -20.46
CA VAL A 108 0.26 -13.08 -21.10
C VAL A 108 1.69 -13.45 -21.45
N SER A 109 2.35 -12.56 -22.16
CA SER A 109 3.76 -12.73 -22.50
C SER A 109 4.39 -11.35 -22.62
N LYS A 110 5.58 -11.29 -23.22
CA LYS A 110 6.28 -10.02 -23.31
C LYS A 110 5.67 -9.13 -24.38
N PHE A 111 5.48 -9.66 -25.58
CA PHE A 111 4.95 -8.85 -26.67
C PHE A 111 3.43 -8.78 -26.67
N SER A 112 2.76 -9.30 -25.65
CA SER A 112 1.31 -9.29 -25.61
C SER A 112 0.78 -7.90 -25.32
N THR A 113 -0.43 -7.64 -25.80
CA THR A 113 -1.09 -6.37 -25.62
C THR A 113 -2.32 -6.45 -24.72
N VAL A 114 -3.05 -7.55 -24.80
CA VAL A 114 -4.17 -7.86 -23.93
C VAL A 114 -3.91 -9.27 -23.43
N PRO A 115 -4.65 -9.80 -22.45
CA PRO A 115 -4.56 -11.23 -22.17
C PRO A 115 -5.02 -12.06 -23.36
N VAL A 116 -4.39 -13.23 -23.55
CA VAL A 116 -4.68 -14.09 -24.69
C VAL A 116 -4.95 -15.51 -24.21
N SER A 117 -5.78 -16.24 -24.96
CA SER A 117 -6.25 -17.53 -24.51
C SER A 117 -5.25 -18.64 -24.84
N HIS A 118 -5.49 -19.81 -24.24
CA HIS A 118 -4.59 -20.96 -24.37
C HIS A 118 -5.42 -22.22 -24.56
N HIS A 119 -4.80 -23.25 -25.14
CA HIS A 119 -5.59 -24.41 -25.57
C HIS A 119 -5.61 -25.54 -24.54
N GLU A 120 -4.47 -26.11 -24.20
CA GLU A 120 -4.39 -27.14 -23.17
C GLU A 120 -3.69 -26.52 -21.98
N CYS A 121 -4.45 -26.29 -20.91
CA CYS A 121 -3.90 -25.78 -19.66
C CYS A 121 -3.67 -26.88 -18.65
N SER A 122 -3.18 -28.01 -19.14
CA SER A 122 -2.39 -28.91 -18.32
C SER A 122 -0.93 -28.49 -18.24
N PHE A 123 -0.51 -27.47 -19.02
CA PHE A 123 0.86 -27.01 -18.97
C PHE A 123 1.13 -26.25 -17.66
N LEU A 124 2.41 -26.06 -17.38
CA LEU A 124 2.87 -25.50 -16.11
C LEU A 124 3.56 -24.18 -16.35
N LYS A 125 3.03 -23.12 -15.76
CA LYS A 125 3.56 -21.76 -15.93
C LYS A 125 3.52 -21.07 -14.58
N PRO A 126 4.37 -20.07 -14.38
CA PRO A 126 4.27 -19.24 -13.18
C PRO A 126 3.01 -18.41 -13.19
N CYS A 127 2.56 -18.03 -12.00
CA CYS A 127 1.32 -17.29 -11.83
C CYS A 127 1.58 -15.95 -11.16
N LEU A 128 0.55 -15.11 -11.20
CA LEU A 128 0.64 -13.71 -10.83
C LEU A 128 -0.30 -13.46 -9.65
N CYS A 129 0.27 -13.07 -8.52
CA CYS A 129 -0.50 -12.86 -7.30
C CYS A 129 -0.28 -11.44 -6.78
N VAL A 130 -1.37 -10.77 -6.41
CA VAL A 130 -1.30 -9.38 -5.97
C VAL A 130 -1.87 -9.26 -4.56
N SER A 131 -1.67 -8.09 -3.98
CA SER A 131 -2.11 -7.76 -2.62
C SER A 131 -2.04 -6.26 -2.45
N GLN A 132 -3.07 -5.70 -1.84
CA GLN A 132 -3.15 -4.25 -1.71
C GLN A 132 -2.26 -3.76 -0.58
N ARG A 133 -1.88 -2.50 -0.66
CA ARG A 133 -1.01 -1.89 0.34
C ARG A 133 -1.82 -1.41 1.53
N SER A 134 -1.17 -0.63 2.39
CA SER A 134 -1.72 -0.41 3.73
C SER A 134 -2.80 0.65 3.77
N ASN A 135 -3.12 1.28 2.63
CA ASN A 135 -4.05 2.40 2.65
C ASN A 135 -5.49 1.92 2.81
N SER A 136 -5.78 0.71 2.37
CA SER A 136 -7.14 0.19 2.39
C SER A 136 -7.59 -0.18 3.81
N GLN B 1 5.61 16.59 -31.53
CA GLN B 1 4.52 17.14 -30.74
C GLN B 1 3.72 16.02 -30.08
N PRO B 2 4.01 15.74 -28.81
CA PRO B 2 3.25 14.70 -28.10
C PRO B 2 1.81 15.10 -27.83
N VAL B 3 1.58 16.28 -27.25
CA VAL B 3 0.26 16.69 -26.80
C VAL B 3 0.10 18.20 -27.00
N GLU B 4 -1.08 18.60 -27.46
CA GLU B 4 -1.38 20.01 -27.70
C GLU B 4 -2.87 20.23 -27.46
N GLU B 5 -3.21 21.37 -26.87
CA GLU B 5 -4.57 21.66 -26.46
C GLU B 5 -5.21 22.66 -27.42
N SER B 6 -6.51 22.89 -27.24
CA SER B 6 -7.24 23.83 -28.06
C SER B 6 -8.53 24.26 -27.36
N GLY B 7 -8.95 25.50 -27.59
CA GLY B 7 -10.31 25.90 -27.27
C GLY B 7 -10.53 27.12 -26.40
N GLY B 8 -9.51 27.96 -26.20
CA GLY B 8 -9.64 29.05 -25.25
C GLY B 8 -10.53 30.16 -25.77
N ARG B 9 -11.50 30.59 -24.95
CA ARG B 9 -12.42 31.67 -25.30
C ARG B 9 -12.51 32.62 -24.12
N LEU B 10 -13.40 33.60 -24.23
CA LEU B 10 -13.76 34.46 -23.11
C LEU B 10 -15.27 34.63 -23.13
N VAL B 11 -15.90 34.52 -21.97
CA VAL B 11 -17.37 34.49 -21.89
C VAL B 11 -17.78 34.78 -20.45
N THR B 12 -18.98 35.35 -20.30
CA THR B 12 -19.65 35.45 -19.01
C THR B 12 -19.99 34.03 -18.52
N PRO B 13 -20.11 33.83 -17.21
CA PRO B 13 -20.33 32.47 -16.68
C PRO B 13 -21.70 31.89 -17.03
N GLY B 14 -21.84 30.62 -16.69
CA GLY B 14 -23.03 29.84 -16.96
C GLY B 14 -22.99 29.08 -18.28
N THR B 15 -22.31 29.61 -19.28
CA THR B 15 -22.35 29.11 -20.64
C THR B 15 -21.58 27.78 -20.77
N PRO B 16 -22.08 26.86 -21.60
CA PRO B 16 -21.44 25.54 -21.70
C PRO B 16 -20.09 25.64 -22.41
N LEU B 17 -19.11 24.93 -21.87
CA LEU B 17 -17.72 25.10 -22.28
C LEU B 17 -17.08 23.73 -22.48
N THR B 18 -16.35 23.58 -23.58
CA THR B 18 -15.59 22.37 -23.83
C THR B 18 -14.23 22.69 -24.43
N LEU B 19 -13.25 21.87 -24.09
CA LEU B 19 -11.91 21.91 -24.66
C LEU B 19 -11.52 20.50 -25.07
N THR B 20 -10.35 20.39 -25.71
CA THR B 20 -9.76 19.09 -25.98
C THR B 20 -8.26 19.25 -26.12
N CYS B 21 -7.56 18.13 -25.94
CA CYS B 21 -6.12 18.06 -26.18
C CYS B 21 -5.87 16.90 -27.12
N THR B 22 -5.26 17.17 -28.26
CA THR B 22 -4.94 16.13 -29.23
C THR B 22 -3.61 15.48 -28.89
N VAL B 23 -3.47 14.21 -29.24
CA VAL B 23 -2.25 13.47 -29.00
C VAL B 23 -1.75 12.94 -30.34
N SER B 24 -0.50 12.51 -30.34
CA SER B 24 0.12 11.87 -31.49
C SER B 24 1.28 11.03 -30.99
N GLY B 25 1.77 10.15 -31.87
CA GLY B 25 3.02 9.45 -31.63
C GLY B 25 2.96 8.27 -30.69
N PHE B 26 1.78 7.93 -30.17
CA PHE B 26 1.60 6.72 -29.37
C PHE B 26 0.13 6.34 -29.42
N SER B 27 -0.28 5.46 -28.52
CA SER B 27 -1.68 5.09 -28.35
C SER B 27 -2.22 5.65 -27.04
N LEU B 28 -3.41 6.23 -27.11
CA LEU B 28 -4.10 6.68 -25.91
C LEU B 28 -4.87 5.56 -25.23
N SER B 29 -4.93 4.37 -25.85
CA SER B 29 -5.60 3.25 -25.23
C SER B 29 -4.75 2.59 -24.15
N THR B 30 -3.43 2.77 -24.19
CA THR B 30 -2.55 2.14 -23.23
C THR B 30 -2.11 3.10 -22.12
N TYR B 31 -2.07 4.39 -22.39
CA TYR B 31 -1.69 5.39 -21.41
C TYR B 31 -2.95 5.99 -20.80
N ALA B 32 -2.78 7.07 -20.03
CA ALA B 32 -3.88 7.71 -19.37
C ALA B 32 -3.62 9.21 -19.28
N MET B 33 -4.61 10.01 -19.65
CA MET B 33 -4.46 11.46 -19.63
C MET B 33 -5.09 12.03 -18.37
N SER B 34 -4.80 13.30 -18.11
CA SER B 34 -5.30 13.96 -16.92
C SER B 34 -5.46 15.44 -17.20
N TRP B 35 -5.98 16.16 -16.21
CA TRP B 35 -6.22 17.58 -16.33
C TRP B 35 -5.82 18.29 -15.05
N VAL B 36 -5.35 19.52 -15.19
CA VAL B 36 -4.83 20.28 -14.07
C VAL B 36 -5.03 21.77 -14.34
N ARG B 37 -5.60 22.46 -13.37
CA ARG B 37 -5.94 23.87 -13.49
C ARG B 37 -4.89 24.71 -12.80
N GLN B 38 -4.38 25.72 -13.51
CA GLN B 38 -3.43 26.67 -12.95
C GLN B 38 -4.04 28.07 -13.10
N ALA B 39 -4.55 28.60 -12.01
CA ALA B 39 -5.08 29.95 -12.01
C ALA B 39 -3.94 30.95 -12.21
N PRO B 40 -4.20 32.07 -12.88
CA PRO B 40 -3.14 33.07 -13.11
C PRO B 40 -2.68 33.70 -11.81
N GLY B 41 -1.39 33.51 -11.50
CA GLY B 41 -0.86 33.95 -10.25
C GLY B 41 -1.04 32.96 -9.12
N LYS B 42 -1.19 31.67 -9.43
CA LYS B 42 -1.38 30.65 -8.42
C LYS B 42 -0.52 29.43 -8.79
N GLY B 43 -0.69 28.36 -8.02
CA GLY B 43 -0.03 27.11 -8.29
C GLY B 43 -0.89 26.18 -9.11
N LEU B 44 -0.65 24.88 -8.95
CA LEU B 44 -1.40 23.86 -9.67
C LEU B 44 -2.45 23.24 -8.76
N GLU B 45 -3.44 22.61 -9.39
CA GLU B 45 -4.36 21.74 -8.70
C GLU B 45 -4.94 20.75 -9.71
N TRP B 46 -5.01 19.48 -9.31
CA TRP B 46 -5.34 18.41 -10.23
C TRP B 46 -6.85 18.33 -10.41
N ILE B 47 -7.29 18.20 -11.66
CA ILE B 47 -8.72 18.23 -11.98
C ILE B 47 -9.28 16.82 -12.02
N GLY B 48 -8.78 16.02 -12.94
CA GLY B 48 -9.33 14.70 -13.11
C GLY B 48 -8.37 13.81 -13.87
N THR B 49 -8.87 12.64 -14.25
CA THR B 49 -8.02 11.65 -14.89
C THR B 49 -8.91 10.71 -15.69
N ILE B 50 -8.64 10.56 -16.98
CA ILE B 50 -9.23 9.51 -17.78
C ILE B 50 -8.19 8.39 -17.92
N SER B 51 -8.60 7.18 -17.59
CA SER B 51 -7.69 6.06 -17.46
C SER B 51 -7.40 5.45 -18.82
N ALA B 52 -6.73 4.29 -18.82
CA ALA B 52 -6.56 3.54 -20.05
C ALA B 52 -7.90 2.97 -20.51
N SER B 53 -8.65 2.38 -19.59
CA SER B 53 -10.04 2.07 -19.87
C SER B 53 -10.88 3.32 -19.66
N ASP B 54 -12.18 3.17 -19.87
CA ASP B 54 -13.08 4.33 -19.89
C ASP B 54 -13.45 4.83 -18.50
N THR B 55 -13.01 4.16 -17.43
CA THR B 55 -13.32 4.65 -16.10
C THR B 55 -12.49 5.88 -15.77
N THR B 56 -13.00 6.68 -14.86
CA THR B 56 -12.41 7.97 -14.55
C THR B 56 -12.67 8.32 -13.09
N TYR B 57 -12.06 9.40 -12.64
CA TYR B 57 -12.25 9.90 -11.29
C TYR B 57 -11.84 11.36 -11.27
N PHE B 58 -12.22 12.06 -10.20
CA PHE B 58 -11.94 13.47 -10.06
C PHE B 58 -11.60 13.77 -8.60
N ALA B 59 -11.11 14.98 -8.36
CA ALA B 59 -10.86 15.40 -7.00
C ALA B 59 -12.17 15.77 -6.31
N ASN B 60 -12.14 15.77 -4.98
CA ASN B 60 -13.34 16.00 -4.18
C ASN B 60 -13.84 17.44 -4.28
N TRP B 61 -12.96 18.40 -4.56
CA TRP B 61 -13.41 19.79 -4.64
C TRP B 61 -14.20 20.04 -5.90
N THR B 62 -13.95 19.26 -6.96
CA THR B 62 -14.81 19.29 -8.12
C THR B 62 -16.12 18.61 -7.78
N LYS B 63 -17.23 19.29 -8.07
CA LYS B 63 -18.56 18.86 -7.63
C LYS B 63 -19.35 18.22 -8.75
N GLY B 64 -18.69 17.41 -9.58
CA GLY B 64 -19.35 16.89 -10.76
C GLY B 64 -19.35 17.84 -11.93
N ARG B 65 -18.67 18.98 -11.80
CA ARG B 65 -18.66 19.98 -12.85
C ARG B 65 -17.80 19.53 -14.02
N PHE B 66 -16.54 19.25 -13.77
CA PHE B 66 -15.63 18.84 -14.82
C PHE B 66 -15.88 17.38 -15.17
N THR B 67 -16.17 17.10 -16.43
CA THR B 67 -16.32 15.74 -16.91
C THR B 67 -15.55 15.58 -18.22
N ILE B 68 -15.08 14.36 -18.46
CA ILE B 68 -14.03 14.08 -19.43
C ILE B 68 -14.51 13.01 -20.38
N SER B 69 -14.36 13.25 -21.68
CA SER B 69 -14.69 12.28 -22.71
C SER B 69 -13.43 11.85 -23.46
N LYS B 70 -13.35 10.56 -23.77
CA LYS B 70 -12.25 10.01 -24.55
C LYS B 70 -12.74 9.79 -25.97
N ALA B 71 -11.95 10.23 -26.94
CA ALA B 71 -12.31 10.11 -28.35
C ALA B 71 -11.32 9.19 -29.05
N SER B 72 -11.40 9.17 -30.38
CA SER B 72 -10.56 8.27 -31.17
C SER B 72 -9.09 8.66 -31.10
N THR B 73 -8.79 9.95 -31.28
CA THR B 73 -7.41 10.42 -31.27
C THR B 73 -7.20 11.59 -30.31
N THR B 74 -8.19 11.91 -29.48
CA THR B 74 -8.07 13.03 -28.56
C THR B 74 -8.89 12.74 -27.32
N VAL B 75 -8.77 13.65 -26.34
CA VAL B 75 -9.50 13.57 -25.08
C VAL B 75 -10.29 14.84 -24.92
N ASP B 76 -11.60 14.71 -24.71
CA ASP B 76 -12.51 15.83 -24.69
C ASP B 76 -12.87 16.18 -23.26
N LEU B 77 -12.60 17.42 -22.86
CA LEU B 77 -13.01 17.93 -21.56
C LEU B 77 -14.32 18.70 -21.73
N LYS B 78 -15.27 18.44 -20.85
CA LYS B 78 -16.58 19.08 -20.90
C LYS B 78 -16.86 19.78 -19.57
N ILE B 79 -17.01 21.10 -19.62
CA ILE B 79 -17.27 21.91 -18.44
C ILE B 79 -18.75 22.31 -18.46
N THR B 80 -19.45 21.99 -17.38
CA THR B 80 -20.88 22.32 -17.30
C THR B 80 -21.08 23.82 -17.12
N SER B 81 -20.59 24.36 -16.01
CA SER B 81 -20.86 25.75 -15.69
C SER B 81 -19.64 26.43 -15.08
N PRO B 82 -18.98 27.31 -15.81
CA PRO B 82 -17.82 28.00 -15.24
C PRO B 82 -18.27 29.14 -14.33
N THR B 83 -17.33 29.58 -13.50
CA THR B 83 -17.55 30.79 -12.71
C THR B 83 -16.42 31.76 -12.98
N THR B 84 -16.34 32.85 -12.21
CA THR B 84 -15.18 33.72 -12.29
C THR B 84 -13.96 33.12 -11.64
N GLU B 85 -14.15 32.08 -10.82
CA GLU B 85 -13.03 31.39 -10.20
C GLU B 85 -12.36 30.42 -11.17
N ASP B 86 -13.10 29.95 -12.18
CA ASP B 86 -12.57 28.95 -13.09
C ASP B 86 -11.61 29.50 -14.13
N THR B 87 -11.49 30.83 -14.24
CA THR B 87 -10.60 31.46 -15.20
C THR B 87 -9.15 31.11 -14.93
N ALA B 88 -8.53 30.41 -15.88
CA ALA B 88 -7.21 29.83 -15.68
C ALA B 88 -6.67 29.38 -17.02
N THR B 89 -5.50 28.76 -16.99
CA THR B 89 -5.01 27.96 -18.09
C THR B 89 -5.06 26.50 -17.68
N PHE B 90 -5.39 25.63 -18.63
CA PHE B 90 -5.55 24.22 -18.34
C PHE B 90 -4.48 23.44 -19.09
N PHE B 91 -3.91 22.43 -18.44
CA PHE B 91 -2.80 21.66 -18.99
C PHE B 91 -3.24 20.21 -19.14
N CYS B 92 -3.07 19.67 -20.34
CA CYS B 92 -3.35 18.26 -20.60
C CYS B 92 -2.07 17.47 -20.39
N ALA B 93 -2.13 16.47 -19.52
CA ALA B 93 -0.95 15.72 -19.11
C ALA B 93 -1.07 14.27 -19.54
N ARG B 94 -0.02 13.50 -19.25
CA ARG B 94 0.01 12.09 -19.61
C ARG B 94 0.69 11.35 -18.48
N PHE B 95 0.04 10.31 -17.96
CA PHE B 95 0.63 9.48 -16.90
C PHE B 95 1.69 8.57 -17.49
N SER B 96 2.95 8.91 -17.25
CA SER B 96 4.06 8.04 -17.62
C SER B 96 4.56 7.31 -16.38
N ALA B 97 5.00 6.08 -16.58
CA ALA B 97 5.35 5.17 -15.50
C ALA B 97 6.84 4.85 -15.58
N TYR B 98 7.65 5.63 -14.88
CA TYR B 98 9.06 5.33 -14.76
C TYR B 98 9.27 4.41 -13.56
N GLU B 99 10.53 4.12 -13.25
CA GLU B 99 10.81 3.09 -12.26
C GLU B 99 12.07 3.39 -11.47
N SER B 100 12.00 3.12 -10.17
CA SER B 100 13.17 2.85 -9.38
C SER B 100 13.40 1.34 -9.39
N ASN B 101 14.27 0.84 -8.53
CA ASN B 101 14.46 -0.60 -8.41
C ASN B 101 13.26 -1.22 -7.71
N ARG B 102 12.60 -2.16 -8.40
CA ARG B 102 11.44 -2.92 -7.96
C ARG B 102 10.22 -2.07 -7.64
N ASP B 103 10.18 -0.82 -8.08
CA ASP B 103 9.04 0.05 -7.86
C ASP B 103 8.70 0.76 -9.16
N TYR B 104 7.46 1.21 -9.28
CA TYR B 104 7.02 1.94 -10.45
C TYR B 104 6.14 3.09 -10.01
N PHE B 105 6.63 4.31 -10.20
CA PHE B 105 5.92 5.51 -9.80
C PHE B 105 5.20 6.11 -10.99
N ASP B 106 4.42 7.16 -10.70
CA ASP B 106 3.47 7.69 -11.67
C ASP B 106 3.61 9.20 -11.73
N THR B 107 4.06 9.71 -12.88
CA THR B 107 4.35 11.12 -13.04
C THR B 107 3.62 11.70 -14.23
N PHE B 108 3.41 13.02 -14.20
CA PHE B 108 2.93 13.77 -15.36
C PHE B 108 4.16 14.17 -16.17
N ASP B 109 4.67 13.25 -17.00
CA ASP B 109 5.94 13.60 -17.65
C ASP B 109 5.73 14.57 -18.82
N PRO B 110 4.97 14.28 -19.90
CA PRO B 110 4.90 15.28 -20.96
C PRO B 110 3.78 16.28 -20.74
N TRP B 111 4.11 17.56 -20.80
CA TRP B 111 3.12 18.60 -20.58
C TRP B 111 2.94 19.40 -21.87
N GLY B 112 1.69 19.67 -22.19
CA GLY B 112 1.39 20.51 -23.33
C GLY B 112 1.63 21.96 -23.03
N PRO B 113 1.44 22.80 -24.06
CA PRO B 113 1.57 24.24 -23.82
C PRO B 113 0.43 24.82 -23.02
N GLY B 114 -0.80 24.37 -23.26
CA GLY B 114 -1.94 24.87 -22.52
C GLY B 114 -2.64 26.01 -23.24
N THR B 115 -3.88 26.26 -22.81
CA THR B 115 -4.70 27.30 -23.42
C THR B 115 -5.38 28.11 -22.34
N LEU B 116 -5.36 29.42 -22.50
CA LEU B 116 -5.97 30.31 -21.52
C LEU B 116 -7.48 30.30 -21.64
N VAL B 117 -8.17 30.09 -20.52
CA VAL B 117 -9.63 30.13 -20.47
C VAL B 117 -10.02 31.27 -19.55
N THR B 118 -10.99 32.07 -19.96
CA THR B 118 -11.15 33.42 -19.43
C THR B 118 -12.62 33.78 -19.24
N VAL B 119 -12.87 34.67 -18.28
CA VAL B 119 -14.20 35.22 -18.02
C VAL B 119 -14.09 36.73 -17.82
N SER B 120 -14.71 37.51 -18.72
CA SER B 120 -14.77 38.97 -18.59
C SER B 120 -15.93 39.43 -19.49
N SER B 121 -17.04 39.85 -18.87
CA SER B 121 -18.37 39.95 -19.50
C SER B 121 -18.51 40.72 -20.80
N GLN C 1 -18.46 -12.75 19.03
CA GLN C 1 -18.23 -12.11 17.73
C GLN C 1 -16.81 -12.32 17.15
N PRO C 2 -15.71 -12.23 17.96
CA PRO C 2 -14.44 -12.75 17.42
C PRO C 2 -14.35 -14.24 17.62
N VAL C 3 -13.18 -14.81 17.35
CA VAL C 3 -13.00 -16.24 17.55
C VAL C 3 -13.02 -16.57 19.04
N LYS C 4 -13.48 -17.78 19.34
CA LYS C 4 -13.54 -18.27 20.71
C LYS C 4 -12.76 -19.57 20.79
N GLU C 5 -12.37 -19.94 21.99
CA GLU C 5 -11.53 -21.11 22.16
C GLU C 5 -11.70 -21.72 23.55
N SER C 6 -11.71 -23.05 23.58
CA SER C 6 -11.82 -23.80 24.82
C SER C 6 -10.95 -25.04 24.70
N GLY C 7 -10.90 -25.80 25.79
CA GLY C 7 -10.01 -26.95 25.82
C GLY C 7 -8.76 -26.67 26.63
N GLY C 8 -8.93 -26.04 27.78
CA GLY C 8 -7.81 -25.78 28.66
C GLY C 8 -7.97 -26.48 29.99
N ARG C 9 -8.40 -27.74 29.97
CA ARG C 9 -8.54 -28.49 31.21
C ARG C 9 -7.17 -28.83 31.76
N LEU C 10 -6.91 -28.41 33.00
CA LEU C 10 -5.60 -28.55 33.62
C LEU C 10 -5.26 -30.01 33.86
N VAL C 11 -4.15 -30.47 33.30
CA VAL C 11 -3.76 -31.86 33.28
C VAL C 11 -2.29 -31.99 33.69
N THR C 12 -1.80 -33.24 33.68
CA THR C 12 -0.59 -34.01 33.98
C THR C 12 0.36 -34.06 32.79
N PRO C 13 1.67 -34.05 33.04
CA PRO C 13 2.64 -34.03 31.94
C PRO C 13 2.70 -35.35 31.19
N GLY C 14 3.33 -35.28 30.02
CA GLY C 14 3.51 -36.45 29.17
C GLY C 14 2.25 -36.93 28.49
N THR C 15 1.25 -36.08 28.36
CA THR C 15 -0.05 -36.44 27.83
C THR C 15 -0.41 -35.55 26.66
N PRO C 16 -1.28 -36.02 25.75
CA PRO C 16 -1.76 -35.12 24.70
C PRO C 16 -2.74 -34.11 25.23
N LEU C 17 -2.71 -32.92 24.64
CA LEU C 17 -3.66 -31.88 24.96
C LEU C 17 -4.05 -31.17 23.68
N THR C 18 -5.35 -31.01 23.48
CA THR C 18 -5.88 -30.43 22.26
C THR C 18 -6.40 -29.02 22.53
N LEU C 19 -6.40 -28.21 21.49
CA LEU C 19 -7.00 -26.88 21.53
C LEU C 19 -7.94 -26.75 20.35
N THR C 20 -8.90 -25.83 20.47
CA THR C 20 -9.93 -25.64 19.46
C THR C 20 -10.21 -24.16 19.33
N CYS C 21 -9.79 -23.54 18.24
CA CYS C 21 -10.04 -22.13 17.99
C CYS C 21 -11.09 -22.03 16.87
N THR C 22 -12.36 -21.93 17.26
CA THR C 22 -13.48 -22.08 16.34
C THR C 22 -13.72 -20.79 15.56
N ALA C 23 -14.87 -20.72 14.89
CA ALA C 23 -15.20 -19.66 13.96
C ALA C 23 -16.44 -18.90 14.42
N SER C 24 -16.61 -17.70 13.87
CA SER C 24 -17.80 -16.90 14.13
C SER C 24 -17.96 -15.91 12.99
N GLY C 25 -18.92 -16.15 12.12
CA GLY C 25 -19.27 -15.17 11.11
C GLY C 25 -18.38 -15.12 9.88
N PHE C 26 -17.09 -14.86 10.08
CA PHE C 26 -16.15 -14.72 8.99
C PHE C 26 -15.53 -16.08 8.66
N SER C 27 -15.20 -16.26 7.39
CA SER C 27 -14.68 -17.54 6.93
C SER C 27 -13.26 -17.77 7.41
N LEU C 28 -12.90 -19.02 7.60
CA LEU C 28 -11.60 -19.39 8.14
C LEU C 28 -10.68 -20.03 7.12
N SER C 29 -11.13 -20.18 5.88
CA SER C 29 -10.26 -20.57 4.79
C SER C 29 -9.74 -19.37 4.03
N SER C 30 -9.87 -18.17 4.60
CA SER C 30 -9.47 -16.94 3.94
C SER C 30 -8.24 -16.30 4.57
N TYR C 31 -8.12 -16.36 5.88
CA TYR C 31 -6.98 -15.78 6.58
C TYR C 31 -6.14 -16.89 7.19
N TRP C 32 -4.87 -16.57 7.41
CA TRP C 32 -3.98 -17.48 8.11
C TRP C 32 -4.21 -17.32 9.61
N MET C 33 -3.95 -18.38 10.36
CA MET C 33 -4.13 -18.35 11.80
C MET C 33 -2.82 -18.61 12.51
N SER C 34 -2.71 -18.08 13.73
CA SER C 34 -1.48 -18.23 14.51
C SER C 34 -1.82 -18.34 15.98
N TRP C 35 -0.88 -18.87 16.74
CA TRP C 35 -1.04 -19.05 18.18
C TRP C 35 0.06 -18.31 18.91
N VAL C 36 -0.32 -17.52 19.92
CA VAL C 36 0.64 -16.96 20.86
C VAL C 36 0.21 -17.38 22.26
N ARG C 37 1.16 -17.30 23.18
CA ARG C 37 0.91 -17.74 24.55
C ARG C 37 1.61 -16.79 25.51
N GLN C 38 1.12 -16.75 26.74
CA GLN C 38 1.60 -15.79 27.72
C GLN C 38 1.48 -16.38 29.11
N ALA C 39 2.58 -16.40 29.84
CA ALA C 39 2.57 -16.89 31.21
C ALA C 39 1.89 -15.87 32.14
N ARG C 40 1.94 -16.17 33.42
CA ARG C 40 1.37 -15.27 34.42
C ARG C 40 2.23 -14.01 34.50
N GLY C 41 1.73 -12.94 33.89
CA GLY C 41 2.36 -11.63 33.95
C GLY C 41 3.74 -11.54 33.36
N LYS C 42 3.94 -12.04 32.14
CA LYS C 42 5.24 -11.96 31.46
C LYS C 42 5.00 -11.58 30.00
N GLY C 43 6.09 -11.49 29.25
CA GLY C 43 6.00 -11.08 27.86
C GLY C 43 5.54 -12.24 27.00
N LEU C 44 4.49 -12.01 26.22
CA LEU C 44 3.85 -13.10 25.49
C LEU C 44 4.71 -13.54 24.30
N GLU C 45 4.85 -14.84 24.14
CA GLU C 45 5.69 -15.43 23.12
C GLU C 45 4.87 -16.00 21.98
N TRP C 46 5.52 -16.15 20.85
CA TRP C 46 4.92 -16.72 19.67
C TRP C 46 5.10 -18.23 19.68
N ILE C 47 4.09 -18.95 19.18
CA ILE C 47 4.15 -20.40 19.08
C ILE C 47 4.32 -20.85 17.63
N GLY C 48 3.43 -20.42 16.76
CA GLY C 48 3.51 -20.89 15.38
C GLY C 48 2.55 -20.11 14.51
N THR C 49 2.46 -20.55 13.26
CA THR C 49 1.57 -19.90 12.28
C THR C 49 1.29 -20.92 11.20
N ALA C 50 0.02 -21.21 10.95
CA ALA C 50 -0.37 -22.14 9.90
C ALA C 50 -1.28 -21.45 8.90
N THR C 51 -1.14 -21.83 7.65
CA THR C 51 -1.98 -21.31 6.59
C THR C 51 -3.21 -22.20 6.46
N ALA C 52 -3.96 -22.03 5.39
CA ALA C 52 -4.94 -23.01 5.00
C ALA C 52 -4.24 -24.16 4.29
N GLY C 53 -5.00 -25.19 3.92
CA GLY C 53 -4.40 -26.33 3.29
C GLY C 53 -3.60 -27.18 4.26
N GLY C 54 -2.27 -27.21 4.10
CA GLY C 54 -1.46 -28.06 4.94
C GLY C 54 -0.30 -27.41 5.67
N SER C 55 0.21 -26.30 5.13
CA SER C 55 1.52 -25.80 5.55
C SER C 55 1.48 -25.20 6.94
N ALA C 56 2.67 -25.08 7.55
CA ALA C 56 2.78 -24.68 8.93
C ALA C 56 4.19 -24.19 9.21
N TRP C 57 4.32 -23.46 10.32
CA TRP C 57 5.61 -23.01 10.82
C TRP C 57 5.58 -23.00 12.34
N TYR C 58 6.74 -23.16 12.95
CA TYR C 58 6.84 -23.14 14.40
C TYR C 58 8.08 -22.38 14.81
N ALA C 59 8.04 -21.84 16.03
CA ALA C 59 9.21 -21.20 16.59
C ALA C 59 10.25 -22.24 16.96
N SER C 60 11.48 -21.79 17.18
CA SER C 60 12.54 -22.68 17.64
C SER C 60 12.51 -22.86 19.15
N TRP C 61 11.45 -22.43 19.82
CA TRP C 61 11.30 -22.73 21.22
C TRP C 61 10.96 -24.19 21.45
N ALA C 62 10.14 -24.76 20.58
CA ALA C 62 9.75 -26.17 20.66
C ALA C 62 10.30 -26.92 19.46
N LYS C 63 10.80 -28.14 19.70
CA LYS C 63 11.46 -28.93 18.67
C LYS C 63 10.49 -29.86 17.94
N GLY C 64 9.34 -29.31 17.56
CA GLY C 64 8.25 -30.16 17.12
C GLY C 64 7.42 -30.69 18.24
N ARG C 65 7.53 -30.09 19.43
CA ARG C 65 6.65 -30.44 20.54
C ARG C 65 5.20 -30.04 20.22
N PHE C 66 5.02 -28.97 19.47
CA PHE C 66 3.71 -28.51 19.08
C PHE C 66 3.47 -28.88 17.62
N THR C 67 2.27 -29.38 17.35
CA THR C 67 1.86 -29.69 15.98
C THR C 67 0.55 -28.95 15.75
N ILE C 68 0.64 -27.80 15.11
CA ILE C 68 -0.54 -27.07 14.69
C ILE C 68 -1.15 -27.79 13.51
N SER C 69 -2.44 -27.59 13.28
CA SER C 69 -3.12 -28.23 12.17
C SER C 69 -4.14 -27.28 11.58
N ARG C 70 -4.83 -27.75 10.56
CA ARG C 70 -5.82 -26.95 9.85
C ARG C 70 -6.95 -27.82 9.39
N THR C 71 -8.16 -27.43 9.76
CA THR C 71 -9.39 -28.06 9.29
C THR C 71 -10.33 -26.92 8.91
N SER C 72 -11.11 -27.12 7.85
CA SER C 72 -11.85 -26.04 7.22
C SER C 72 -12.89 -25.38 8.11
N THR C 73 -13.31 -26.03 9.19
CA THR C 73 -14.20 -25.38 10.14
C THR C 73 -13.46 -24.74 11.30
N THR C 74 -12.33 -25.31 11.74
CA THR C 74 -11.62 -24.81 12.91
C THR C 74 -10.18 -25.29 12.89
N VAL C 75 -9.31 -24.49 13.48
CA VAL C 75 -7.91 -24.86 13.64
C VAL C 75 -7.74 -25.49 15.01
N GLU C 76 -6.72 -26.34 15.13
CA GLU C 76 -6.46 -27.06 16.36
C GLU C 76 -4.97 -27.06 16.65
N LEU C 77 -4.62 -27.43 17.87
CA LEU C 77 -3.24 -27.41 18.32
C LEU C 77 -3.02 -28.57 19.28
N ARG C 78 -1.92 -29.30 19.10
CA ARG C 78 -1.63 -30.48 19.91
C ARG C 78 -0.27 -30.36 20.55
N MET C 79 -0.16 -30.86 21.78
CA MET C 79 1.07 -30.84 22.55
C MET C 79 1.37 -32.25 23.05
N THR C 80 2.65 -32.59 23.12
CA THR C 80 3.05 -33.96 23.49
C THR C 80 3.67 -34.05 24.89
N SER C 81 4.64 -33.20 25.20
CA SER C 81 5.43 -33.30 26.43
C SER C 81 5.42 -31.97 27.18
N LEU C 82 4.24 -31.40 27.37
CA LEU C 82 4.10 -30.16 28.11
C LEU C 82 4.49 -30.37 29.57
N THR C 83 5.15 -29.37 30.14
CA THR C 83 6.02 -29.58 31.29
C THR C 83 5.68 -28.48 32.29
N THR C 84 6.56 -28.28 33.28
CA THR C 84 6.29 -27.45 34.46
C THR C 84 6.08 -25.99 34.09
N GLU C 85 7.05 -25.39 33.43
CA GLU C 85 7.00 -23.98 33.08
C GLU C 85 6.07 -23.68 31.91
N ASP C 86 5.49 -24.70 31.27
CA ASP C 86 4.67 -24.51 30.08
C ASP C 86 3.22 -24.22 30.41
N THR C 87 2.99 -23.28 31.31
CA THR C 87 1.65 -22.89 31.74
C THR C 87 1.39 -21.48 31.27
N ALA C 88 0.29 -21.30 30.55
CA ALA C 88 0.01 -20.02 29.91
C ALA C 88 -1.48 -19.89 29.66
N THR C 89 -1.86 -18.71 29.17
CA THR C 89 -3.18 -18.49 28.58
C THR C 89 -2.99 -18.45 27.08
N TYR C 90 -3.58 -19.41 26.38
CA TYR C 90 -3.28 -19.63 24.97
C TYR C 90 -4.21 -18.79 24.10
N PHE C 91 -3.63 -18.04 23.16
CA PHE C 91 -4.39 -17.16 22.27
C PHE C 91 -4.31 -17.64 20.83
N CYS C 92 -5.34 -17.32 20.05
CA CYS C 92 -5.33 -17.50 18.61
C CYS C 92 -5.88 -16.24 17.96
N ALA C 93 -5.34 -15.89 16.79
CA ALA C 93 -5.71 -14.63 16.18
C ALA C 93 -5.47 -14.67 14.68
N ARG C 94 -6.06 -13.69 13.99
CA ARG C 94 -5.75 -13.50 12.57
C ARG C 94 -4.35 -12.92 12.42
N ASP C 95 -3.66 -13.36 11.41
CA ASP C 95 -2.24 -13.05 11.32
C ASP C 95 -1.83 -11.70 10.73
N PRO C 96 -2.40 -11.17 9.65
CA PRO C 96 -1.98 -9.84 9.21
C PRO C 96 -2.59 -8.78 10.10
N PRO C 97 -1.79 -8.03 10.85
CA PRO C 97 -2.36 -7.07 11.78
C PRO C 97 -2.78 -5.80 11.07
N GLY C 98 -4.00 -5.36 11.35
CA GLY C 98 -4.52 -4.16 10.71
C GLY C 98 -5.89 -3.84 11.24
N HIS C 99 -6.74 -3.31 10.37
CA HIS C 99 -8.13 -3.11 10.76
C HIS C 99 -8.83 -4.44 11.00
N SER C 100 -8.44 -5.48 10.26
CA SER C 100 -9.16 -6.74 10.33
C SER C 100 -8.64 -7.64 11.45
N GLY C 101 -7.77 -7.11 12.31
CA GLY C 101 -7.21 -7.95 13.37
C GLY C 101 -8.21 -8.23 14.46
N LEU C 102 -8.27 -9.49 14.89
CA LEU C 102 -9.19 -9.90 15.93
C LEU C 102 -8.53 -10.95 16.81
N TRP C 103 -8.81 -10.87 18.11
CA TRP C 103 -8.15 -11.71 19.10
C TRP C 103 -9.19 -12.31 20.04
N GLY C 104 -9.05 -13.61 20.30
CA GLY C 104 -9.91 -14.28 21.26
C GLY C 104 -9.55 -13.92 22.68
N ARG C 105 -10.39 -14.39 23.60
CA ARG C 105 -10.20 -14.07 25.01
C ARG C 105 -9.27 -15.02 25.72
N GLY C 106 -8.56 -15.87 25.01
CA GLY C 106 -7.60 -16.76 25.62
C GLY C 106 -8.25 -17.94 26.33
N THR C 107 -7.40 -18.91 26.68
CA THR C 107 -7.84 -20.07 27.42
C THR C 107 -6.72 -20.52 28.33
N LEU C 108 -7.02 -20.71 29.60
CA LEU C 108 -6.03 -21.11 30.59
C LEU C 108 -5.59 -22.54 30.33
N VAL C 109 -4.39 -22.72 29.82
CA VAL C 109 -3.79 -24.04 29.67
C VAL C 109 -2.70 -24.13 30.72
N THR C 110 -3.03 -24.75 31.84
CA THR C 110 -2.15 -24.77 33.00
C THR C 110 -1.75 -26.19 33.30
N VAL C 111 -0.47 -26.42 33.49
CA VAL C 111 -0.01 -27.75 33.84
C VAL C 111 -0.36 -28.02 35.28
N SER C 112 -0.56 -29.30 35.62
CA SER C 112 -0.88 -29.69 36.99
C SER C 112 -0.32 -31.09 37.20
N SER C 113 0.72 -31.19 38.02
CA SER C 113 1.44 -32.45 38.19
C SER C 113 0.61 -33.55 38.85
N ASP D 1 -8.37 13.92 1.49
CA ASP D 1 -7.24 13.21 0.91
C ASP D 1 -5.93 13.65 1.54
N VAL D 2 -4.87 13.66 0.74
CA VAL D 2 -3.58 14.15 1.18
C VAL D 2 -3.51 15.66 0.95
N VAL D 3 -3.04 16.38 1.96
CA VAL D 3 -2.72 17.80 1.82
C VAL D 3 -1.22 17.95 2.04
N MET D 4 -0.62 18.92 1.35
CA MET D 4 0.81 19.12 1.41
C MET D 4 1.10 20.53 1.93
N THR D 5 2.24 20.68 2.60
CA THR D 5 2.74 21.98 2.98
C THR D 5 4.20 22.09 2.55
N GLN D 6 4.55 23.27 2.06
CA GLN D 6 5.86 23.54 1.49
C GLN D 6 6.43 24.76 2.21
N THR D 7 7.61 25.18 1.80
CA THR D 7 8.19 26.39 2.35
C THR D 7 7.41 27.61 1.89
N PRO D 8 7.47 28.72 2.63
CA PRO D 8 6.90 29.97 2.14
C PRO D 8 7.63 30.57 0.94
N SER D 9 7.22 31.78 0.55
CA SER D 9 7.64 32.32 -0.74
C SER D 9 9.13 32.63 -0.87
N PRO D 10 9.71 33.61 -0.11
CA PRO D 10 10.96 34.24 -0.59
C PRO D 10 12.17 33.37 -0.35
N VAL D 11 12.68 32.75 -1.41
CA VAL D 11 13.84 31.88 -1.33
C VAL D 11 14.87 32.37 -2.34
N SER D 12 16.09 32.65 -1.86
CA SER D 12 17.20 32.99 -2.73
C SER D 12 18.51 32.69 -2.02
N ALA D 13 19.58 32.71 -2.79
CA ALA D 13 20.94 32.57 -2.29
C ALA D 13 21.85 33.27 -3.28
N ALA D 14 23.17 33.14 -3.08
CA ALA D 14 24.11 33.70 -4.02
C ALA D 14 24.10 32.91 -5.33
N VAL D 15 24.57 33.55 -6.40
CA VAL D 15 24.58 32.89 -7.70
C VAL D 15 25.68 31.82 -7.72
N GLY D 16 25.29 30.60 -8.05
CA GLY D 16 26.21 29.48 -8.01
C GLY D 16 26.43 28.89 -6.62
N GLY D 17 25.38 28.33 -6.03
CA GLY D 17 25.52 27.69 -4.74
C GLY D 17 24.58 26.51 -4.54
N THR D 18 24.20 26.27 -3.29
CA THR D 18 23.29 25.18 -2.93
C THR D 18 22.10 25.74 -2.17
N VAL D 19 20.89 25.38 -2.61
CA VAL D 19 19.64 25.83 -2.01
C VAL D 19 18.77 24.62 -1.74
N THR D 20 18.19 24.56 -0.54
CA THR D 20 17.25 23.51 -0.20
C THR D 20 15.83 24.06 -0.22
N ILE D 21 14.87 23.15 -0.35
CA ILE D 21 13.45 23.45 -0.26
C ILE D 21 12.73 22.17 0.11
N LYS D 22 11.83 22.26 1.08
CA LYS D 22 11.23 21.08 1.69
C LYS D 22 9.73 21.08 1.47
N CYS D 23 9.19 19.88 1.28
CA CYS D 23 7.76 19.67 1.10
C CYS D 23 7.32 18.61 2.10
N GLN D 24 6.41 19.00 3.00
CA GLN D 24 5.94 18.11 4.04
C GLN D 24 4.51 17.70 3.76
N ALA D 25 4.18 16.45 4.09
CA ALA D 25 2.88 15.87 3.77
C ALA D 25 2.07 15.66 5.03
N SER D 26 0.86 15.12 4.85
CA SER D 26 -0.05 14.83 5.96
C SER D 26 0.07 13.40 6.45
N GLN D 27 -0.21 12.42 5.58
CA GLN D 27 -0.10 11.02 5.92
C GLN D 27 1.03 10.38 5.13
N ASN D 28 1.30 9.11 5.46
CA ASN D 28 2.43 8.41 4.85
C ASN D 28 2.09 7.97 3.44
N ILE D 29 2.97 8.29 2.50
CA ILE D 29 2.74 8.05 1.08
C ILE D 29 3.79 7.14 0.46
N TYR D 30 4.73 6.63 1.28
CA TYR D 30 5.67 5.56 0.93
C TYR D 30 6.59 5.96 -0.23
N ARG D 31 7.35 7.05 0.01
CA ARG D 31 8.46 7.48 -0.84
C ARG D 31 8.01 7.82 -2.26
N ASP D 32 6.81 8.35 -2.38
CA ASP D 32 6.20 8.64 -3.68
C ASP D 32 6.03 10.15 -3.80
N LEU D 33 7.05 10.82 -4.32
CA LEU D 33 6.97 12.24 -4.59
C LEU D 33 7.51 12.53 -5.97
N ALA D 34 7.19 13.73 -6.45
CA ALA D 34 7.72 14.21 -7.72
C ALA D 34 7.93 15.71 -7.60
N TRP D 35 8.93 16.20 -8.32
CA TRP D 35 9.31 17.61 -8.27
C TRP D 35 9.26 18.19 -9.68
N TYR D 36 8.61 19.35 -9.81
CA TYR D 36 8.44 19.99 -11.11
C TYR D 36 8.87 21.43 -11.01
N GLN D 37 9.31 21.99 -12.14
CA GLN D 37 9.62 23.40 -12.23
C GLN D 37 8.90 23.99 -13.43
N GLN D 38 8.55 25.27 -13.33
CA GLN D 38 8.00 25.98 -14.47
C GLN D 38 8.58 27.38 -14.53
N ASN D 39 9.14 27.70 -15.69
CA ASN D 39 9.39 29.09 -16.02
C ASN D 39 8.05 29.81 -16.10
N PRO D 40 7.95 31.05 -15.57
CA PRO D 40 6.73 31.84 -15.78
C PRO D 40 6.33 31.98 -17.24
N GLY D 41 5.19 31.38 -17.58
CA GLY D 41 4.79 31.26 -18.96
C GLY D 41 5.23 29.98 -19.62
N GLN D 42 5.36 28.89 -18.87
CA GLN D 42 5.88 27.64 -19.39
C GLN D 42 5.29 26.51 -18.57
N PRO D 43 5.10 25.33 -19.16
CA PRO D 43 4.50 24.23 -18.41
C PRO D 43 5.49 23.62 -17.43
N PRO D 44 5.01 22.79 -16.51
CA PRO D 44 5.93 22.02 -15.67
C PRO D 44 6.78 21.05 -16.46
N LYS D 45 7.92 20.68 -15.88
CA LYS D 45 8.77 19.63 -16.40
C LYS D 45 9.25 18.78 -15.24
N LEU D 46 9.27 17.46 -15.45
CA LEU D 46 9.64 16.52 -14.40
C LEU D 46 11.11 16.65 -14.07
N LEU D 47 11.43 16.67 -12.77
CA LEU D 47 12.81 16.79 -12.30
C LEU D 47 13.27 15.56 -11.54
N ILE D 48 12.59 15.21 -10.46
CA ILE D 48 13.00 14.12 -9.58
C ILE D 48 11.75 13.35 -9.21
N TYR D 49 11.72 12.06 -9.52
CA TYR D 49 10.56 11.25 -9.22
C TYR D 49 10.94 10.15 -8.24
N GLY D 50 9.92 9.55 -7.63
CA GLY D 50 10.12 8.52 -6.63
C GLY D 50 10.76 9.00 -5.35
N ALA D 51 10.79 10.32 -5.13
CA ALA D 51 11.27 11.02 -3.93
C ALA D 51 12.77 10.90 -3.69
N SER D 52 13.47 10.09 -4.47
CA SER D 52 14.92 10.02 -4.34
C SER D 52 15.65 9.82 -5.67
N ASN D 53 14.96 9.78 -6.79
CA ASN D 53 15.56 9.32 -8.04
C ASN D 53 15.49 10.40 -9.10
N LEU D 54 16.58 10.54 -9.84
CA LEU D 54 16.68 11.52 -10.91
C LEU D 54 15.88 11.08 -12.12
N ALA D 55 15.33 12.06 -12.84
CA ALA D 55 14.62 11.77 -14.07
C ALA D 55 15.62 11.53 -15.20
N SER D 56 15.09 11.29 -16.39
CA SER D 56 15.92 11.08 -17.57
C SER D 56 16.15 12.42 -18.27
N GLY D 57 17.40 12.82 -18.39
CA GLY D 57 17.77 14.03 -19.09
C GLY D 57 18.03 15.22 -18.20
N VAL D 58 17.56 15.19 -16.96
CA VAL D 58 17.92 16.24 -16.00
C VAL D 58 19.40 16.09 -15.65
N PRO D 59 20.14 17.18 -15.50
CA PRO D 59 21.55 17.06 -15.09
C PRO D 59 21.70 16.49 -13.68
N SER D 60 22.86 15.91 -13.44
CA SER D 60 23.13 15.11 -12.26
C SER D 60 23.28 15.92 -10.98
N ARG D 61 23.32 17.25 -11.07
CA ARG D 61 23.61 18.07 -9.90
C ARG D 61 22.45 18.10 -8.92
N PHE D 62 21.24 17.74 -9.34
CA PHE D 62 20.10 17.77 -8.45
C PHE D 62 20.15 16.60 -7.46
N SER D 63 19.54 16.81 -6.29
CA SER D 63 19.50 15.80 -5.25
C SER D 63 18.29 16.04 -4.36
N GLY D 64 17.38 15.08 -4.34
CA GLY D 64 16.28 15.11 -3.42
C GLY D 64 16.16 13.78 -2.71
N SER D 65 15.77 13.82 -1.45
CA SER D 65 15.70 12.61 -0.64
C SER D 65 14.71 12.84 0.50
N GLY D 66 14.75 11.94 1.48
CA GLY D 66 13.86 11.99 2.63
C GLY D 66 13.07 10.72 2.77
N SER D 67 12.21 10.71 3.78
CA SER D 67 11.32 9.58 4.03
C SER D 67 10.13 10.08 4.83
N GLY D 68 9.15 9.19 5.01
CA GLY D 68 8.00 9.48 5.83
C GLY D 68 7.07 10.53 5.27
N THR D 69 6.90 11.63 6.01
CA THR D 69 5.99 12.68 5.62
C THR D 69 6.66 14.00 5.31
N GLU D 70 7.98 14.10 5.47
CA GLU D 70 8.72 15.32 5.16
C GLU D 70 9.92 14.95 4.30
N TYR D 71 10.09 15.68 3.20
CA TYR D 71 11.13 15.37 2.23
C TYR D 71 11.86 16.65 1.85
N ILE D 72 12.96 16.49 1.13
CA ILE D 72 13.79 17.61 0.73
C ILE D 72 14.01 17.60 -0.77
N LEU D 73 14.14 18.80 -1.34
CA LEU D 73 14.72 18.99 -2.66
C LEU D 73 15.89 19.95 -2.50
N THR D 74 17.07 19.52 -2.91
CA THR D 74 18.28 20.30 -2.77
C THR D 74 18.93 20.51 -4.12
N ILE D 75 19.48 21.69 -4.31
CA ILE D 75 20.21 22.02 -5.53
C ILE D 75 21.69 21.99 -5.19
N SER D 76 22.51 21.67 -6.19
CA SER D 76 23.94 21.85 -6.11
C SER D 76 24.41 22.50 -7.40
N ASP D 77 25.34 23.45 -7.28
CA ASP D 77 25.92 24.20 -8.40
C ASP D 77 24.82 24.92 -9.18
N LEU D 78 24.26 25.93 -8.52
CA LEU D 78 23.15 26.71 -9.04
C LEU D 78 23.52 27.42 -10.36
N GLU D 79 22.54 27.49 -11.25
CA GLU D 79 22.68 28.14 -12.54
C GLU D 79 21.69 29.30 -12.60
N CYS D 80 22.11 30.40 -13.26
CA CYS D 80 21.26 31.58 -13.44
C CYS D 80 19.97 31.24 -14.19
N ALA D 81 19.99 30.23 -15.04
CA ALA D 81 18.77 29.75 -15.67
C ALA D 81 17.84 29.12 -14.64
N ASP D 82 18.38 28.32 -13.72
CA ASP D 82 17.56 27.59 -12.75
C ASP D 82 17.11 28.55 -11.65
N ALA D 83 16.18 29.42 -12.02
CA ALA D 83 15.75 30.52 -11.16
C ALA D 83 14.25 30.59 -10.96
N ALA D 84 13.49 29.69 -11.57
CA ALA D 84 12.04 29.78 -11.59
C ALA D 84 11.44 29.00 -10.42
N THR D 85 10.14 28.79 -10.44
CA THR D 85 9.44 28.16 -9.34
C THR D 85 9.71 26.65 -9.30
N TYR D 86 9.37 26.03 -8.17
CA TYR D 86 9.59 24.60 -7.98
C TYR D 86 8.44 24.02 -7.16
N TYR D 87 7.81 22.96 -7.69
CA TYR D 87 6.63 22.36 -7.08
C TYR D 87 6.93 20.96 -6.57
N CYS D 88 6.13 20.52 -5.61
CA CYS D 88 6.17 19.16 -5.10
C CYS D 88 4.82 18.50 -5.33
N GLN D 89 4.84 17.20 -5.61
CA GLN D 89 3.61 16.50 -5.97
C GLN D 89 3.61 15.09 -5.39
N CYS D 90 2.53 14.73 -4.71
CA CYS D 90 2.33 13.40 -4.16
C CYS D 90 1.23 12.70 -4.94
N SER D 91 0.99 11.44 -4.58
CA SER D 91 -0.07 10.64 -5.18
C SER D 91 -0.37 9.48 -4.26
N ALA D 92 -1.59 9.42 -3.73
CA ALA D 92 -2.01 8.32 -2.88
C ALA D 92 -3.14 7.56 -3.57
N TYR D 93 -3.07 6.23 -3.52
CA TYR D 93 -4.04 5.36 -4.15
C TYR D 93 -4.75 4.55 -3.10
N GLY D 94 -6.07 4.51 -3.17
CA GLY D 94 -6.85 3.71 -2.26
C GLY D 94 -7.00 2.29 -2.75
N SER D 95 -8.00 1.61 -2.22
CA SER D 95 -8.33 0.27 -2.69
C SER D 95 -8.94 0.32 -4.09
N GLY D 96 -9.93 1.18 -4.27
CA GLY D 96 -10.55 1.34 -5.57
C GLY D 96 -10.28 2.68 -6.21
N TYR D 97 -10.17 3.73 -5.40
CA TYR D 97 -10.06 5.09 -5.89
C TYR D 97 -8.60 5.51 -5.97
N ALA D 98 -8.39 6.68 -6.56
CA ALA D 98 -7.05 7.25 -6.72
C ALA D 98 -7.16 8.77 -6.66
N ALA D 99 -6.13 9.40 -6.11
CA ALA D 99 -6.13 10.84 -5.93
C ALA D 99 -4.73 11.38 -6.13
N HIS D 100 -4.63 12.70 -6.26
CA HIS D 100 -3.35 13.38 -6.43
C HIS D 100 -3.43 14.71 -5.70
N ALA D 101 -2.32 15.43 -5.68
CA ALA D 101 -2.26 16.72 -5.00
C ALA D 101 -1.11 17.52 -5.58
N PHE D 102 -0.93 18.73 -5.06
CA PHE D 102 0.16 19.60 -5.45
C PHE D 102 0.48 20.52 -4.27
N GLY D 103 1.28 21.54 -4.53
CA GLY D 103 1.56 22.55 -3.52
C GLY D 103 1.88 23.88 -4.17
N GLY D 104 2.29 24.86 -3.39
CA GLY D 104 2.73 26.10 -3.99
C GLY D 104 4.15 26.46 -3.60
N GLY D 105 5.07 26.37 -4.57
CA GLY D 105 6.46 26.71 -4.36
C GLY D 105 6.89 27.84 -5.27
N THR D 106 7.99 28.48 -4.89
CA THR D 106 8.34 29.77 -5.46
C THR D 106 9.73 29.73 -6.06
N LYS D 107 10.14 30.87 -6.61
CA LYS D 107 11.42 31.03 -7.29
C LYS D 107 12.56 30.94 -6.28
N VAL D 108 13.77 30.77 -6.81
CA VAL D 108 14.88 30.31 -5.98
C VAL D 108 16.09 31.23 -6.02
N ASP D 109 16.11 32.27 -6.87
CA ASP D 109 17.28 33.15 -6.90
C ASP D 109 16.91 34.51 -7.45
N ILE D 110 17.37 35.57 -6.77
CA ILE D 110 17.96 36.81 -7.29
C ILE D 110 18.72 37.43 -6.12
N LYS D 111 20.00 37.76 -6.32
CA LYS D 111 20.90 38.26 -5.26
C LYS D 111 22.21 38.82 -5.77
N ASP E 1 17.15 -16.53 16.17
CA ASP E 1 16.52 -15.99 14.98
C ASP E 1 16.56 -14.47 14.99
N LEU E 2 15.44 -13.84 15.30
CA LEU E 2 15.34 -12.40 15.45
C LEU E 2 14.77 -12.08 16.81
N VAL E 3 15.44 -11.19 17.54
CA VAL E 3 15.02 -10.83 18.89
C VAL E 3 14.65 -9.36 18.90
N MET E 4 13.87 -8.99 19.90
CA MET E 4 13.45 -7.61 20.10
C MET E 4 13.84 -7.17 21.50
N THR E 5 14.07 -5.87 21.65
CA THR E 5 14.48 -5.31 22.92
C THR E 5 13.74 -4.01 23.15
N GLN E 6 13.09 -3.88 24.30
CA GLN E 6 12.45 -2.65 24.73
C GLN E 6 13.16 -2.22 26.01
N THR E 7 14.26 -1.50 25.85
CA THR E 7 15.11 -1.12 26.98
C THR E 7 14.48 -0.22 28.05
N PRO E 8 13.38 0.57 27.81
CA PRO E 8 12.64 1.06 28.97
C PRO E 8 11.92 -0.08 29.70
N ALA E 9 12.35 -0.37 30.92
CA ALA E 9 11.68 -1.42 31.70
C ALA E 9 10.33 -0.95 32.20
N SER E 10 10.33 0.12 33.00
CA SER E 10 9.10 0.66 33.56
C SER E 10 9.32 2.14 33.83
N VAL E 11 8.42 2.99 33.31
CA VAL E 11 8.59 4.43 33.34
C VAL E 11 7.44 5.07 34.11
N GLU E 12 7.66 6.32 34.52
CA GLU E 12 6.62 7.14 35.13
C GLU E 12 6.50 8.44 34.33
N ALA E 13 5.38 9.13 34.51
CA ALA E 13 5.16 10.40 33.82
C ALA E 13 4.14 11.21 34.59
N ALA E 14 3.77 12.35 34.00
CA ALA E 14 2.78 13.26 34.54
C ALA E 14 1.43 13.05 33.84
N VAL E 15 0.37 13.43 34.54
CA VAL E 15 -0.97 13.29 34.00
C VAL E 15 -1.16 14.27 32.85
N GLY E 16 -1.52 13.74 31.69
CA GLY E 16 -1.57 14.56 30.49
C GLY E 16 -0.21 14.98 30.00
N GLY E 17 0.74 14.05 29.95
CA GLY E 17 2.11 14.40 29.60
C GLY E 17 2.65 13.71 28.37
N THR E 18 3.86 13.17 28.46
CA THR E 18 4.49 12.50 27.32
C THR E 18 5.37 11.34 27.80
N VAL E 19 5.33 10.24 27.06
CA VAL E 19 6.23 9.10 27.25
C VAL E 19 6.77 8.64 25.92
N THR E 20 7.91 7.98 25.98
CA THR E 20 8.58 7.44 24.81
C THR E 20 9.02 6.02 25.10
N ILE E 21 8.76 5.11 24.17
CA ILE E 21 9.11 3.70 24.28
C ILE E 21 9.92 3.32 23.06
N LYS E 22 11.10 2.75 23.27
CA LYS E 22 11.99 2.39 22.18
C LYS E 22 11.98 0.88 22.01
N CYS E 23 11.89 0.42 20.76
CA CYS E 23 12.01 -0.99 20.42
C CYS E 23 13.11 -1.16 19.38
N GLN E 24 14.08 -2.02 19.70
CA GLN E 24 15.27 -2.19 18.88
C GLN E 24 15.30 -3.61 18.33
N ALA E 25 15.71 -3.73 17.07
CA ALA E 25 15.85 -5.02 16.41
C ALA E 25 17.31 -5.44 16.36
N SER E 26 17.57 -6.54 15.67
CA SER E 26 18.92 -7.02 15.44
C SER E 26 19.31 -7.01 13.97
N GLU E 27 18.35 -7.14 13.07
CA GLU E 27 18.55 -6.99 11.64
C GLU E 27 17.54 -5.99 11.11
N SER E 28 17.61 -5.70 9.83
CA SER E 28 16.69 -4.73 9.24
C SER E 28 15.32 -5.36 9.10
N ILE E 29 14.37 -4.87 9.90
CA ILE E 29 12.99 -5.33 9.76
C ILE E 29 12.41 -4.81 8.46
N GLY E 30 12.71 -3.57 8.12
CA GLY E 30 12.23 -2.98 6.89
C GLY E 30 10.79 -2.55 6.96
N ASN E 31 10.45 -1.80 8.02
CA ASN E 31 9.18 -1.10 8.20
C ASN E 31 8.02 -2.11 8.23
N ALA E 32 8.06 -2.98 9.24
CA ALA E 32 6.90 -3.82 9.58
C ALA E 32 6.97 -4.14 11.07
N LEU E 33 6.34 -3.29 11.87
CA LEU E 33 6.23 -3.52 13.31
C LEU E 33 4.78 -3.39 13.72
N ALA E 34 4.53 -3.62 15.00
CA ALA E 34 3.20 -3.45 15.54
C ALA E 34 3.33 -3.01 16.99
N TRP E 35 2.22 -2.54 17.55
CA TRP E 35 2.18 -2.13 18.95
C TRP E 35 0.85 -2.55 19.55
N TYR E 36 0.90 -3.18 20.72
CA TYR E 36 -0.30 -3.54 21.45
C TYR E 36 -0.26 -2.96 22.84
N GLN E 37 -1.43 -2.55 23.34
CA GLN E 37 -1.61 -2.27 24.75
C GLN E 37 -2.44 -3.39 25.36
N GLN E 38 -2.33 -3.56 26.66
CA GLN E 38 -2.98 -4.70 27.30
C GLN E 38 -3.33 -4.32 28.73
N LYS E 39 -4.62 -4.12 28.97
CA LYS E 39 -5.12 -4.02 30.33
C LYS E 39 -5.03 -5.38 31.02
N PRO E 40 -5.05 -5.42 32.35
CA PRO E 40 -4.96 -6.70 33.04
C PRO E 40 -6.18 -7.58 32.79
N GLY E 41 -5.91 -8.81 32.36
CA GLY E 41 -6.97 -9.79 32.17
C GLY E 41 -7.82 -9.60 30.93
N GLN E 42 -7.22 -9.13 29.84
CA GLN E 42 -7.95 -8.84 28.61
C GLN E 42 -7.04 -9.18 27.44
N PRO E 43 -7.60 -9.40 26.25
CA PRO E 43 -6.74 -9.57 25.08
C PRO E 43 -6.07 -8.25 24.72
N PRO E 44 -4.88 -8.29 24.12
CA PRO E 44 -4.19 -7.05 23.79
C PRO E 44 -4.83 -6.36 22.59
N LYS E 45 -5.22 -5.11 22.78
CA LYS E 45 -5.77 -4.32 21.70
C LYS E 45 -4.69 -3.95 20.70
N LEU E 46 -5.02 -3.78 19.43
CA LEU E 46 -4.03 -3.46 18.40
C LEU E 46 -3.88 -1.98 18.08
N LEU E 47 -3.04 -1.20 18.78
CA LEU E 47 -2.96 0.23 18.54
C LEU E 47 -2.40 0.67 17.23
N ILE E 48 -1.35 0.04 16.76
CA ILE E 48 -0.73 0.57 15.57
C ILE E 48 -0.17 -0.56 14.72
N TYR E 49 -0.24 -0.44 13.40
CA TYR E 49 0.25 -1.49 12.51
C TYR E 49 1.14 -0.92 11.50
N ASP E 50 2.09 -1.71 11.05
CA ASP E 50 3.05 -1.23 10.07
C ASP E 50 3.76 0.05 10.46
N THR E 51 4.44 0.08 11.60
CA THR E 51 5.08 1.28 12.08
C THR E 51 3.96 2.22 12.23
N SER E 52 3.99 3.39 11.66
CA SER E 52 2.89 4.28 11.95
C SER E 52 1.62 4.23 11.13
N ASN E 53 0.55 3.72 11.70
CA ASN E 53 -0.74 3.76 11.04
C ASN E 53 -1.61 3.49 12.22
N LEU E 54 -2.85 3.95 12.24
CA LEU E 54 -3.64 3.77 13.44
C LEU E 54 -4.83 2.91 13.20
N ALA E 55 -5.03 1.92 14.03
CA ALA E 55 -6.20 1.08 13.91
C ALA E 55 -7.31 1.85 14.45
N SER E 56 -8.51 1.35 14.23
CA SER E 56 -9.64 2.11 14.64
C SER E 56 -9.62 2.22 16.11
N GLY E 57 -10.10 3.35 16.61
CA GLY E 57 -10.21 3.50 18.03
C GLY E 57 -9.01 4.04 18.72
N VAL E 58 -8.00 4.36 17.95
CA VAL E 58 -6.89 4.98 18.59
C VAL E 58 -6.85 6.38 18.07
N SER E 59 -6.83 7.32 18.98
CA SER E 59 -6.85 8.70 18.59
C SER E 59 -5.47 9.04 18.16
N SER E 60 -5.29 10.18 17.52
CA SER E 60 -3.99 10.53 16.97
C SER E 60 -2.94 10.62 18.01
N ARG E 61 -3.35 10.76 19.25
CA ARG E 61 -2.38 10.96 20.25
C ARG E 61 -1.43 9.81 20.19
N PHE E 62 -1.88 8.62 20.03
CA PHE E 62 -0.96 7.53 20.06
C PHE E 62 -0.33 7.63 18.74
N ARG E 63 0.93 7.76 18.67
CA ARG E 63 1.61 7.74 17.40
C ARG E 63 3.02 7.32 17.60
N GLY E 64 3.62 6.75 16.59
CA GLY E 64 4.95 6.26 16.79
C GLY E 64 5.60 6.20 15.45
N SER E 65 6.90 6.06 15.44
CA SER E 65 7.59 5.98 14.19
C SER E 65 8.95 5.44 14.29
N GLY E 66 9.58 5.39 13.14
CA GLY E 66 10.93 4.95 13.12
C GLY E 66 11.16 4.36 11.77
N SER E 67 12.37 3.89 11.50
CA SER E 67 12.67 3.24 10.24
C SER E 67 13.87 2.35 10.49
N GLY E 68 14.15 1.42 9.59
CA GLY E 68 15.34 0.63 9.74
C GLY E 68 15.26 -0.42 10.81
N THR E 69 16.18 -0.37 11.76
CA THR E 69 16.20 -1.38 12.80
C THR E 69 15.77 -0.86 14.16
N GLN E 70 15.60 0.45 14.32
CA GLN E 70 15.31 1.05 15.62
C GLN E 70 14.08 1.92 15.51
N PHE E 71 13.07 1.66 16.33
CA PHE E 71 11.82 2.37 16.21
C PHE E 71 11.37 2.92 17.53
N THR E 72 10.30 3.70 17.56
CA THR E 72 9.78 4.17 18.86
C THR E 72 8.33 4.55 18.84
N LEU E 73 7.64 4.53 19.99
CA LEU E 73 6.22 4.88 20.09
C LEU E 73 6.14 6.11 20.96
N THR E 74 5.28 7.10 20.63
CA THR E 74 5.06 8.29 21.49
C THR E 74 3.59 8.52 21.80
N ILE E 75 3.24 8.72 23.07
CA ILE E 75 1.85 8.86 23.45
C ILE E 75 1.64 10.30 23.78
N SER E 76 0.62 10.99 23.18
CA SER E 76 0.51 12.46 23.39
C SER E 76 0.17 13.10 24.71
N ASP E 77 -0.79 12.60 25.45
CA ASP E 77 -1.08 13.12 26.77
C ASP E 77 -1.59 11.88 27.48
N LEU E 78 -1.05 11.54 28.63
CA LEU E 78 -1.49 10.37 29.33
C LEU E 78 -2.82 10.56 30.04
N GLU E 79 -3.64 9.54 30.22
CA GLU E 79 -4.95 9.70 30.84
C GLU E 79 -5.33 8.48 31.69
N CYS E 80 -6.42 8.54 32.44
CA CYS E 80 -6.84 7.48 33.39
C CYS E 80 -6.97 6.08 32.87
N ALA E 81 -6.97 5.90 31.56
CA ALA E 81 -7.03 4.56 30.98
C ALA E 81 -5.83 4.24 30.11
N ASP E 82 -4.66 4.82 30.39
CA ASP E 82 -3.48 4.58 29.59
C ASP E 82 -2.37 3.86 30.36
N ALA E 83 -2.65 3.37 31.56
CA ALA E 83 -1.67 2.62 32.32
C ALA E 83 -1.80 1.14 31.95
N ALA E 84 -0.89 0.65 31.13
CA ALA E 84 -0.91 -0.74 30.69
C ALA E 84 0.48 -1.14 30.26
N THR E 85 0.65 -2.42 29.97
CA THR E 85 1.91 -2.95 29.47
C THR E 85 1.88 -2.94 27.96
N TYR E 86 2.81 -2.21 27.35
CA TYR E 86 2.81 -2.01 25.91
C TYR E 86 3.83 -2.93 25.25
N TYR E 87 3.37 -3.75 24.30
CA TYR E 87 4.21 -4.68 23.60
C TYR E 87 4.45 -4.20 22.18
N CYS E 88 5.61 -4.56 21.62
CA CYS E 88 5.91 -4.28 20.21
C CYS E 88 6.26 -5.59 19.50
N GLN E 89 5.73 -5.75 18.30
CA GLN E 89 5.77 -7.01 17.57
C GLN E 89 6.19 -6.80 16.13
N THR E 90 7.16 -7.58 15.68
CA THR E 90 7.50 -7.66 14.27
C THR E 90 6.77 -8.82 13.65
N TYR E 91 6.68 -8.82 12.32
CA TYR E 91 6.01 -9.93 11.66
C TYR E 91 6.62 -10.13 10.28
N TYR E 92 6.56 -11.36 9.82
CA TYR E 92 7.08 -11.74 8.52
C TYR E 92 6.27 -12.94 8.04
N TYR E 93 5.87 -12.90 6.78
CA TYR E 93 5.07 -13.97 6.20
C TYR E 93 5.63 -14.22 4.80
N SER E 94 6.23 -15.38 4.58
CA SER E 94 6.86 -15.61 3.30
C SER E 94 6.22 -16.75 2.52
N GLY E 95 6.07 -17.92 3.12
CA GLY E 95 5.57 -19.06 2.38
C GLY E 95 6.64 -19.79 1.57
N VAL E 96 7.51 -19.03 0.92
CA VAL E 96 8.63 -19.63 0.20
C VAL E 96 9.74 -20.01 1.16
N THR E 97 10.18 -19.09 2.01
CA THR E 97 11.34 -19.34 2.85
C THR E 97 11.02 -19.51 4.34
N THR E 98 10.44 -18.50 5.00
CA THR E 98 10.26 -18.61 6.44
C THR E 98 9.18 -17.67 6.94
N THR E 99 8.36 -18.17 7.86
CA THR E 99 7.32 -17.38 8.51
C THR E 99 7.64 -17.28 9.98
N TYR E 100 7.83 -16.07 10.47
CA TYR E 100 8.19 -15.88 11.87
C TYR E 100 7.69 -14.53 12.34
N GLN E 101 7.49 -14.44 13.64
CA GLN E 101 7.13 -13.18 14.28
C GLN E 101 7.63 -13.24 15.71
N ALA E 102 8.15 -12.11 16.19
CA ALA E 102 8.74 -12.06 17.52
C ALA E 102 8.18 -10.88 18.29
N PHE E 103 7.79 -11.11 19.53
CA PHE E 103 7.29 -10.06 20.38
C PHE E 103 8.43 -9.47 21.21
N GLY E 104 8.09 -8.64 22.19
CA GLY E 104 9.11 -7.95 22.95
C GLY E 104 9.11 -8.27 24.43
N GLY E 105 9.74 -7.40 25.22
CA GLY E 105 9.95 -7.66 26.63
C GLY E 105 8.95 -6.98 27.53
N GLY E 106 8.25 -5.97 27.03
CA GLY E 106 7.22 -5.34 27.82
C GLY E 106 7.61 -4.01 28.43
N THR E 107 6.66 -3.08 28.45
CA THR E 107 6.87 -1.73 28.98
C THR E 107 5.68 -1.37 29.87
N GLU E 108 5.85 -1.48 31.17
CA GLU E 108 4.77 -1.19 32.12
C GLU E 108 4.85 0.27 32.54
N VAL E 109 3.84 1.06 32.18
CA VAL E 109 3.82 2.47 32.46
C VAL E 109 2.80 2.75 33.56
N ASP E 110 2.92 3.91 34.20
CA ASP E 110 1.98 4.36 35.20
C ASP E 110 1.94 5.88 35.16
N VAL E 111 1.00 6.46 35.91
CA VAL E 111 0.84 7.91 35.97
C VAL E 111 0.66 8.33 37.42
N LYS E 112 1.10 9.54 37.75
CA LYS E 112 1.00 10.17 39.08
C LYS E 112 1.59 9.37 40.23
#